data_4D8E
#
_entry.id   4D8E
#
_cell.length_a   114.606
_cell.length_b   50.675
_cell.length_c   37.384
_cell.angle_alpha   90.00
_cell.angle_beta   90.00
_cell.angle_gamma   90.00
#
_symmetry.space_group_name_H-M   'P 21 21 2'
#
loop_
_entity.id
_entity.type
_entity.pdbx_description
1 polymer Streptopain
2 non-polymer N-[N-[1-HYDROXYCARBOXYETHYL-CARBONYL]LEUCYLAMINO-BUTYL]-GUANIDINE
3 non-polymer 'NITRATE ION'
4 water water
#
_entity_poly.entity_id   1
_entity_poly.type   'polypeptide(L)'
_entity_poly.pdbx_seq_one_letter_code
;QPVVKSLLNSKGIHYNQGNPYNLLTPVIEKVKPGEQSFVGQHAATGCVATATAQIMKYHNYPNKGLKDYTYTLSSNNPYF
NHPKNLFAAISTRQYNWNNILPTYSGRESNVQKMAISELMADVGISVDMDYGPSSGSAGSSRVQRALKENFGYNQSVHQI
NRSDFSKQDWEAQIDKELSQNQPVYYQGVGKVGGHAFVIDGADGRNFYHVNWGWGGVSDGFFRLDALNPSALGTGGGAGG
FNGYQSAVVGIKPLEHHHHHH
;
_entity_poly.pdbx_strand_id   A
#
# COMPACT_ATOMS: atom_id res chain seq x y z
N GLN A 1 6.39 11.29 23.06
CA GLN A 1 5.73 11.07 21.78
C GLN A 1 4.64 12.11 21.59
N PRO A 2 4.77 12.98 20.59
CA PRO A 2 3.68 13.95 20.38
C PRO A 2 2.36 13.30 19.95
N VAL A 3 1.23 13.93 20.28
CA VAL A 3 -0.09 13.48 19.78
C VAL A 3 -0.32 14.01 18.37
N VAL A 4 -0.63 13.11 17.45
CA VAL A 4 -0.88 13.54 16.09
C VAL A 4 -2.15 12.83 15.65
N LYS A 5 -3.21 13.57 15.35
CA LYS A 5 -4.47 12.94 14.93
C LYS A 5 -4.30 12.35 13.56
N SER A 6 -4.91 11.18 13.34
CA SER A 6 -4.78 10.44 12.09
C SER A 6 -4.78 11.34 10.85
N LEU A 7 -3.67 11.35 10.11
CA LEU A 7 -3.53 12.22 8.95
C LEU A 7 -4.42 11.75 7.82
N LEU A 8 -4.52 10.43 7.61
CA LEU A 8 -5.37 9.98 6.52
C LEU A 8 -6.85 10.17 6.89
N ASN A 9 -7.28 9.89 8.13
CA ASN A 9 -8.71 10.02 8.46
C ASN A 9 -9.08 11.53 8.29
N SER A 10 -8.14 12.40 8.64
CA SER A 10 -8.46 13.84 8.58
C SER A 10 -8.75 14.26 7.16
N LYS A 11 -8.25 13.55 6.16
CA LYS A 11 -8.49 13.87 4.75
C LYS A 11 -9.50 12.96 4.07
N GLY A 12 -10.14 12.09 4.87
CA GLY A 12 -11.13 11.19 4.33
C GLY A 12 -10.61 10.00 3.53
N ILE A 13 -9.33 9.63 3.68
CA ILE A 13 -8.67 8.72 2.74
C ILE A 13 -8.76 7.26 3.28
N HIS A 14 -9.51 6.43 2.54
CA HIS A 14 -9.83 5.02 2.95
C HIS A 14 -9.93 4.20 1.68
N TYR A 15 -8.83 3.56 1.30
CA TYR A 15 -8.80 2.73 0.11
C TYR A 15 -8.78 1.22 0.54
N ASN A 16 -9.07 0.32 -0.39
CA ASN A 16 -9.10 -1.14 -0.19
CA ASN A 16 -8.89 -1.13 -0.10
C ASN A 16 -8.39 -1.76 -1.39
N GLN A 17 -8.46 -3.09 -1.51
CA GLN A 17 -7.80 -3.80 -2.62
C GLN A 17 -8.76 -4.40 -3.65
N GLY A 18 -10.08 -4.33 -3.40
CA GLY A 18 -11.05 -4.84 -4.36
C GLY A 18 -11.71 -3.74 -5.14
N ASN A 19 -12.94 -3.95 -5.62
CA ASN A 19 -13.57 -2.92 -6.43
C ASN A 19 -13.96 -1.73 -5.57
N PRO A 20 -13.87 -0.49 -6.14
CA PRO A 20 -13.54 -0.09 -7.50
C PRO A 20 -12.09 0.34 -7.60
N TYR A 21 -11.23 -0.23 -6.75
CA TYR A 21 -9.78 0.03 -6.79
C TYR A 21 -9.01 -0.81 -7.74
N ASN A 22 -9.55 -1.98 -8.03
CA ASN A 22 -8.87 -2.92 -8.86
C ASN A 22 -9.41 -3.05 -10.25
N LEU A 23 -10.02 -2.00 -10.83
CA LEU A 23 -10.71 -2.19 -12.13
C LEU A 23 -9.69 -2.29 -13.30
N LEU A 24 -8.40 -1.97 -13.01
CA LEU A 24 -7.39 -2.04 -14.05
C LEU A 24 -6.24 -2.94 -13.77
N THR A 25 -6.37 -3.77 -12.75
CA THR A 25 -5.38 -4.84 -12.58
C THR A 25 -5.59 -5.97 -13.57
N PRO A 26 -4.62 -6.89 -13.70
CA PRO A 26 -4.81 -7.92 -14.74
C PRO A 26 -5.99 -8.84 -14.37
N VAL A 27 -6.72 -9.24 -15.42
CA VAL A 27 -7.81 -10.22 -15.23
C VAL A 27 -7.30 -11.64 -15.13
N ILE A 28 -7.67 -12.36 -14.02
CA ILE A 28 -7.17 -13.72 -13.80
C ILE A 28 -7.57 -14.63 -14.96
N GLU A 29 -6.63 -15.47 -15.43
CA GLU A 29 -6.80 -16.26 -16.65
C GLU A 29 -7.04 -17.75 -16.38
N LYS A 30 -6.52 -18.26 -15.26
CA LYS A 30 -6.54 -19.70 -14.99
C LYS A 30 -7.07 -20.02 -13.62
N VAL A 31 -7.61 -21.24 -13.49
CA VAL A 31 -8.00 -21.78 -12.19
C VAL A 31 -6.77 -22.50 -11.65
N LYS A 32 -6.35 -22.15 -10.44
CA LYS A 32 -5.27 -22.89 -9.76
C LYS A 32 -5.75 -24.28 -9.37
N PRO A 33 -4.98 -25.37 -9.66
CA PRO A 33 -5.47 -26.71 -9.28
C PRO A 33 -5.79 -26.80 -7.79
N GLY A 34 -6.95 -27.36 -7.47
CA GLY A 34 -7.35 -27.50 -6.08
C GLY A 34 -8.09 -26.29 -5.54
N GLU A 35 -8.22 -25.23 -6.34
CA GLU A 35 -8.85 -24.00 -5.87
C GLU A 35 -10.13 -23.71 -6.67
N GLN A 36 -11.07 -22.95 -6.07
CA GLN A 36 -12.23 -22.49 -6.84
C GLN A 36 -11.79 -21.44 -7.85
N SER A 37 -12.62 -21.24 -8.86
CA SER A 37 -12.24 -20.24 -9.91
C SER A 37 -12.31 -18.78 -9.52
N PHE A 38 -11.30 -17.98 -9.95
CA PHE A 38 -11.39 -16.50 -9.94
C PHE A 38 -11.21 -16.02 -11.34
N VAL A 39 -11.39 -16.88 -12.33
CA VAL A 39 -11.18 -16.53 -13.74
C VAL A 39 -12.16 -15.47 -14.16
N GLY A 40 -11.62 -14.41 -14.77
CA GLY A 40 -12.46 -13.32 -15.30
C GLY A 40 -12.70 -12.24 -14.28
N GLN A 41 -12.12 -12.35 -13.10
CA GLN A 41 -12.17 -11.35 -12.06
C GLN A 41 -10.82 -10.62 -12.08
N HIS A 42 -10.83 -9.34 -11.81
CA HIS A 42 -9.56 -8.64 -11.63
C HIS A 42 -8.84 -9.07 -10.37
N ALA A 43 -7.53 -9.20 -10.48
CA ALA A 43 -6.69 -9.43 -9.33
C ALA A 43 -6.79 -8.37 -8.25
N ALA A 44 -6.51 -8.75 -7.02
CA ALA A 44 -6.36 -7.76 -5.91
C ALA A 44 -5.29 -6.72 -6.26
N THR A 45 -5.51 -5.47 -5.77
CA THR A 45 -4.47 -4.47 -6.01
C THR A 45 -3.14 -4.79 -5.32
N GLY A 46 -3.17 -5.53 -4.21
CA GLY A 46 -2.00 -5.80 -3.39
C GLY A 46 -1.96 -4.87 -2.21
N CYS A 47 -1.67 -5.32 -1.02
CA CYS A 47 -1.54 -4.42 0.15
C CYS A 47 -0.44 -3.34 -0.08
N VAL A 48 0.66 -3.67 -0.78
CA VAL A 48 1.76 -2.71 -1.00
C VAL A 48 1.25 -1.58 -1.83
N ALA A 49 0.47 -1.87 -2.89
CA ALA A 49 -0.06 -0.77 -3.70
C ALA A 49 -1.08 0.06 -2.96
N THR A 50 -1.98 -0.56 -2.20
CA THR A 50 -3.01 0.19 -1.48
C THR A 50 -2.40 1.11 -0.42
N ALA A 51 -1.37 0.70 0.28
CA ALA A 51 -0.72 1.52 1.32
C ALA A 51 -0.07 2.70 0.59
N THR A 52 0.68 2.43 -0.47
CA THR A 52 1.42 3.50 -1.18
C THR A 52 0.40 4.44 -1.77
N ALA A 53 -0.65 3.95 -2.42
CA ALA A 53 -1.62 4.90 -3.03
C ALA A 53 -2.29 5.80 -2.03
N GLN A 54 -2.63 5.29 -0.87
CA GLN A 54 -3.21 6.17 0.17
C GLN A 54 -2.24 7.28 0.60
N ILE A 55 -0.95 6.98 0.72
CA ILE A 55 0.04 8.01 1.04
C ILE A 55 0.14 9.02 -0.14
N MET A 56 0.13 8.52 -1.39
CA MET A 56 0.19 9.44 -2.55
C MET A 56 -1.04 10.37 -2.59
N LYS A 57 -2.25 9.87 -2.33
CA LYS A 57 -3.44 10.73 -2.28
C LYS A 57 -3.31 11.76 -1.16
N TYR A 58 -2.66 11.47 -0.04
CA TYR A 58 -2.47 12.44 1.04
C TYR A 58 -1.72 13.69 0.50
N HIS A 59 -0.79 13.46 -0.41
CA HIS A 59 -0.01 14.52 -1.06
C HIS A 59 -0.59 15.11 -2.35
N ASN A 60 -1.56 14.41 -2.96
CA ASN A 60 -2.02 14.69 -4.34
C ASN A 60 -0.84 14.90 -5.27
N TYR A 61 0.05 13.91 -5.36
CA TYR A 61 1.32 14.13 -6.08
C TYR A 61 1.74 12.76 -6.59
N PRO A 62 2.30 12.66 -7.82
CA PRO A 62 2.64 13.77 -8.73
C PRO A 62 1.51 14.13 -9.66
N ASN A 63 1.61 15.34 -10.21
CA ASN A 63 0.69 15.62 -11.30
C ASN A 63 1.05 14.93 -12.60
N LYS A 64 2.36 14.69 -12.82
CA LYS A 64 2.83 14.01 -14.03
C LYS A 64 3.72 12.90 -13.57
N GLY A 65 3.52 11.69 -14.09
CA GLY A 65 4.43 10.61 -13.82
C GLY A 65 5.75 10.84 -14.55
N LEU A 66 6.82 10.21 -14.06
CA LEU A 66 8.17 10.49 -14.54
C LEU A 66 8.74 9.41 -15.47
N LYS A 67 8.52 8.13 -15.15
CA LYS A 67 9.22 7.06 -15.88
C LYS A 67 8.36 5.79 -15.95
N ASP A 68 8.28 5.22 -17.15
CA ASP A 68 7.56 3.96 -17.36
C ASP A 68 8.16 2.81 -16.58
N TYR A 69 7.41 1.72 -16.47
CA TYR A 69 7.92 0.48 -15.80
C TYR A 69 7.37 -0.76 -16.46
N THR A 70 8.21 -1.84 -16.55
CA THR A 70 7.79 -3.04 -17.26
C THR A 70 8.37 -4.17 -16.45
N TYR A 71 7.67 -5.30 -16.31
CA TYR A 71 8.27 -6.49 -15.67
C TYR A 71 7.49 -7.73 -16.09
N THR A 72 8.00 -8.91 -15.69
CA THR A 72 7.41 -10.15 -16.16
C THR A 72 7.03 -10.93 -14.92
N LEU A 73 5.83 -11.49 -14.87
CA LEU A 73 5.41 -12.28 -13.71
C LEU A 73 6.28 -13.52 -13.54
N SER A 74 6.45 -13.97 -12.29
CA SER A 74 7.03 -15.30 -12.02
C SER A 74 6.25 -16.38 -12.74
N SER A 75 6.97 -17.35 -13.32
CA SER A 75 6.36 -18.51 -14.00
C SER A 75 5.71 -19.46 -13.03
N ASN A 76 5.92 -19.23 -11.75
CA ASN A 76 5.22 -19.99 -10.74
C ASN A 76 3.81 -19.48 -10.41
N ASN A 77 3.44 -18.30 -10.89
CA ASN A 77 2.09 -17.78 -10.62
C ASN A 77 1.05 -18.57 -11.39
N PRO A 78 0.12 -19.28 -10.69
CA PRO A 78 -0.80 -20.21 -11.35
C PRO A 78 -2.02 -19.56 -11.94
N TYR A 79 -2.08 -18.23 -11.89
CA TYR A 79 -3.30 -17.52 -12.29
C TYR A 79 -3.22 -16.99 -13.69
N PHE A 80 -2.00 -17.01 -14.27
CA PHE A 80 -1.77 -16.49 -15.60
C PHE A 80 -1.05 -17.48 -16.47
N ASN A 81 -1.30 -17.38 -17.79
CA ASN A 81 -0.44 -18.08 -18.74
C ASN A 81 0.88 -17.35 -18.93
N HIS A 82 1.92 -18.13 -19.19
CA HIS A 82 3.28 -17.59 -19.24
C HIS A 82 3.94 -17.74 -20.58
N PRO A 83 4.85 -16.81 -20.91
CA PRO A 83 5.22 -15.63 -20.09
C PRO A 83 4.16 -14.54 -20.11
N LYS A 84 4.09 -13.75 -19.04
CA LYS A 84 3.12 -12.66 -18.93
C LYS A 84 3.92 -11.42 -18.59
N ASN A 85 3.95 -10.43 -19.50
CA ASN A 85 4.66 -9.16 -19.29
C ASN A 85 3.66 -8.06 -18.97
N LEU A 86 4.00 -7.19 -18.02
CA LEU A 86 3.11 -6.08 -17.66
C LEU A 86 3.86 -4.77 -17.86
N PHE A 87 3.14 -3.71 -18.21
CA PHE A 87 3.78 -2.45 -18.56
C PHE A 87 2.85 -1.32 -18.11
N ALA A 88 3.40 -0.22 -17.52
CA ALA A 88 2.59 0.95 -17.22
C ALA A 88 3.34 2.16 -17.78
N ALA A 89 2.64 2.93 -18.62
CA ALA A 89 3.24 4.10 -19.26
C ALA A 89 3.22 5.31 -18.34
N ILE A 90 3.84 5.16 -17.18
CA ILE A 90 3.82 6.18 -16.13
C ILE A 90 4.36 7.56 -16.63
N SER A 91 5.37 7.54 -17.49
CA SER A 91 5.93 8.79 -18.00
C SER A 91 4.92 9.65 -18.74
N THR A 92 3.82 9.08 -19.19
CA THR A 92 2.80 9.85 -19.97
C THR A 92 1.63 10.25 -19.11
N ARG A 93 1.62 9.82 -17.85
CA ARG A 93 0.46 10.05 -17.01
C ARG A 93 0.33 11.51 -16.57
N GLN A 94 -0.90 12.02 -16.65
CA GLN A 94 -1.33 13.22 -15.95
C GLN A 94 -2.40 12.80 -14.97
N TYR A 95 -2.03 12.72 -13.71
CA TYR A 95 -2.97 12.24 -12.70
C TYR A 95 -3.83 13.41 -12.25
N ASN A 96 -5.15 13.24 -12.34
CA ASN A 96 -6.09 14.30 -11.96
C ASN A 96 -6.55 14.00 -10.55
N TRP A 97 -5.96 14.70 -9.58
CA TRP A 97 -6.23 14.37 -8.18
C TRP A 97 -7.61 14.78 -7.74
N ASN A 98 -8.31 15.57 -8.54
CA ASN A 98 -9.71 15.80 -8.18
C ASN A 98 -10.60 14.63 -8.54
N ASN A 99 -10.13 13.72 -9.43
CA ASN A 99 -10.91 12.54 -9.80
C ASN A 99 -10.45 11.35 -9.02
N ILE A 100 -9.26 11.40 -8.43
CA ILE A 100 -8.78 10.29 -7.60
C ILE A 100 -9.29 10.69 -6.20
N LEU A 101 -10.49 10.20 -5.84
CA LEU A 101 -11.16 10.71 -4.64
C LEU A 101 -10.53 10.07 -3.39
N PRO A 102 -10.77 10.63 -2.20
CA PRO A 102 -10.17 10.13 -0.93
C PRO A 102 -10.80 8.76 -0.58
N THR A 103 -12.05 8.50 -0.96
CA THR A 103 -12.64 7.18 -0.73
C THR A 103 -13.80 6.96 -1.70
N TYR A 104 -14.32 5.74 -1.75
CA TYR A 104 -15.36 5.31 -2.70
C TYR A 104 -16.45 4.51 -2.02
N SER A 105 -17.69 4.87 -2.24
CA SER A 105 -18.74 4.00 -1.69
C SER A 105 -19.61 3.38 -2.76
N GLY A 106 -19.37 3.72 -4.02
CA GLY A 106 -20.05 3.11 -5.15
C GLY A 106 -20.77 4.08 -6.04
N ARG A 107 -21.24 5.18 -5.50
CA ARG A 107 -21.99 6.16 -6.34
C ARG A 107 -21.13 7.07 -7.21
N GLU A 108 -19.82 6.90 -7.19
CA GLU A 108 -18.90 7.81 -7.92
C GLU A 108 -18.99 7.54 -9.41
N SER A 109 -18.50 8.48 -10.22
CA SER A 109 -18.54 8.25 -11.67
C SER A 109 -17.52 7.28 -12.15
N ASN A 110 -17.77 6.71 -13.33
CA ASN A 110 -16.79 5.78 -13.94
C ASN A 110 -15.45 6.49 -14.07
N VAL A 111 -15.45 7.78 -14.39
CA VAL A 111 -14.16 8.49 -14.50
C VAL A 111 -13.41 8.48 -13.17
N GLN A 112 -14.11 8.74 -12.07
CA GLN A 112 -13.53 8.73 -10.73
C GLN A 112 -13.06 7.30 -10.36
N LYS A 113 -13.87 6.30 -10.70
CA LYS A 113 -13.43 4.92 -10.39
C LYS A 113 -12.22 4.54 -11.19
N MET A 114 -12.17 4.94 -12.44
CA MET A 114 -11.01 4.57 -13.26
C MET A 114 -9.78 5.33 -12.84
N ALA A 115 -9.96 6.54 -12.30
CA ALA A 115 -8.80 7.32 -11.90
C ALA A 115 -8.08 6.67 -10.75
N ILE A 116 -8.80 6.18 -9.73
CA ILE A 116 -8.08 5.48 -8.65
C ILE A 116 -7.62 4.13 -9.15
N SER A 117 -8.38 3.49 -10.04
CA SER A 117 -7.92 2.17 -10.52
C SER A 117 -6.67 2.28 -11.36
N GLU A 118 -6.46 3.41 -12.05
CA GLU A 118 -5.27 3.59 -12.86
C GLU A 118 -4.05 3.80 -11.91
N LEU A 119 -4.20 4.62 -10.88
CA LEU A 119 -3.12 4.81 -9.89
C LEU A 119 -2.77 3.50 -9.26
N MET A 120 -3.77 2.75 -8.82
CA MET A 120 -3.45 1.49 -8.17
C MET A 120 -2.71 0.56 -9.10
N ALA A 121 -3.15 0.50 -10.37
CA ALA A 121 -2.51 -0.45 -11.30
C ALA A 121 -1.08 0.03 -11.62
N ASP A 122 -0.86 1.32 -11.80
CA ASP A 122 0.48 1.84 -12.02
C ASP A 122 1.41 1.59 -10.84
N VAL A 123 0.92 1.85 -9.61
CA VAL A 123 1.74 1.62 -8.41
C VAL A 123 2.05 0.12 -8.30
N GLY A 124 1.05 -0.77 -8.49
CA GLY A 124 1.37 -2.18 -8.31
C GLY A 124 2.35 -2.69 -9.36
N ILE A 125 2.24 -2.24 -10.60
CA ILE A 125 3.22 -2.61 -11.63
C ILE A 125 4.62 -2.13 -11.25
N SER A 126 4.72 -0.89 -10.76
CA SER A 126 6.03 -0.35 -10.35
C SER A 126 6.71 -1.07 -9.23
N VAL A 127 5.97 -1.92 -8.49
CA VAL A 127 6.59 -2.69 -7.39
C VAL A 127 6.54 -4.14 -7.72
N ASP A 128 6.44 -4.48 -9.00
CA ASP A 128 6.52 -5.89 -9.46
C ASP A 128 5.52 -6.83 -8.84
N MET A 129 4.30 -6.37 -8.76
CA MET A 129 3.25 -7.10 -8.06
C MET A 129 3.00 -8.51 -8.62
N ASP A 130 2.99 -9.52 -7.73
CA ASP A 130 2.63 -10.85 -8.12
C ASP A 130 1.11 -10.98 -8.00
N TYR A 131 0.43 -10.71 -9.10
CA TYR A 131 -1.04 -10.60 -9.07
C TYR A 131 -1.81 -11.90 -8.92
N GLY A 132 -2.89 -11.86 -8.14
CA GLY A 132 -3.76 -13.01 -7.93
C GLY A 132 -4.99 -12.58 -7.17
N PRO A 133 -5.78 -13.55 -6.69
CA PRO A 133 -6.92 -13.28 -5.82
C PRO A 133 -6.39 -12.52 -4.60
N SER A 134 -5.20 -12.89 -4.12
CA SER A 134 -4.36 -12.02 -3.29
C SER A 134 -3.12 -11.68 -4.13
N SER A 135 -2.51 -10.52 -3.89
CA SER A 135 -1.43 -10.03 -4.73
C SER A 135 -0.30 -9.54 -3.86
N GLY A 136 0.95 -9.99 -4.12
CA GLY A 136 2.06 -9.68 -3.23
C GLY A 136 3.27 -9.04 -3.89
N SER A 137 3.96 -8.19 -3.11
CA SER A 137 5.19 -7.54 -3.58
C SER A 137 6.22 -7.60 -2.46
N ALA A 138 7.50 -7.46 -2.81
CA ALA A 138 8.54 -7.33 -1.79
C ALA A 138 8.35 -6.15 -0.85
N GLY A 139 7.70 -5.07 -1.33
CA GLY A 139 7.35 -3.99 -0.41
C GLY A 139 8.35 -2.87 -0.39
N SER A 140 8.74 -2.49 0.83
CA SER A 140 9.62 -1.34 1.07
C SER A 140 10.71 -1.07 0.07
N SER A 141 11.53 -2.07 -0.23
CA SER A 141 12.66 -1.79 -1.12
C SER A 141 12.24 -1.37 -2.52
N ARG A 142 11.12 -1.89 -2.97
CA ARG A 142 10.52 -1.53 -4.28
C ARG A 142 9.76 -0.22 -4.19
N VAL A 143 9.04 -0.03 -3.09
CA VAL A 143 8.23 1.19 -2.90
C VAL A 143 9.14 2.42 -2.88
N GLN A 144 10.23 2.41 -2.12
CA GLN A 144 11.08 3.59 -2.08
C GLN A 144 11.63 3.92 -3.45
N ARG A 145 12.04 2.90 -4.22
CA ARG A 145 12.58 3.13 -5.59
C ARG A 145 11.49 3.66 -6.54
N ALA A 146 10.30 3.08 -6.50
CA ALA A 146 9.22 3.54 -7.40
C ALA A 146 8.81 4.97 -7.08
N LEU A 147 8.72 5.32 -5.81
CA LEU A 147 8.21 6.69 -5.46
C LEU A 147 9.19 7.70 -6.04
N LYS A 148 10.50 7.50 -5.96
CA LYS A 148 11.47 8.46 -6.51
C LYS A 148 11.57 8.33 -8.02
N GLU A 149 11.88 7.14 -8.53
CA GLU A 149 12.19 6.99 -9.97
C GLU A 149 11.01 7.11 -10.90
N ASN A 150 9.90 6.51 -10.54
CA ASN A 150 8.72 6.52 -11.41
C ASN A 150 7.79 7.64 -11.10
N PHE A 151 7.65 8.05 -9.81
CA PHE A 151 6.66 9.06 -9.44
C PHE A 151 7.21 10.40 -9.02
N GLY A 152 8.53 10.58 -9.05
CA GLY A 152 9.09 11.94 -8.86
C GLY A 152 9.03 12.47 -7.42
N TYR A 153 8.93 11.59 -6.43
CA TYR A 153 9.08 12.04 -5.06
C TYR A 153 10.53 12.41 -4.69
N ASN A 154 10.69 13.10 -3.55
CA ASN A 154 11.94 13.70 -3.15
C ASN A 154 12.99 12.64 -2.86
N GLN A 155 14.25 13.00 -2.99
CA GLN A 155 15.35 12.09 -2.64
C GLN A 155 15.39 11.74 -1.15
N SER A 156 14.64 12.49 -0.31
CA SER A 156 14.45 12.14 1.12
C SER A 156 13.76 10.77 1.31
N VAL A 157 13.10 10.25 0.27
CA VAL A 157 12.40 8.94 0.40
C VAL A 157 13.46 7.84 0.63
N HIS A 158 13.25 6.98 1.64
CA HIS A 158 14.16 5.86 1.79
C HIS A 158 13.52 4.85 2.71
N GLN A 159 13.99 3.60 2.57
CA GLN A 159 13.61 2.53 3.53
C GLN A 159 14.46 2.54 4.81
N ILE A 160 13.83 2.25 5.95
CA ILE A 160 14.57 2.05 7.20
C ILE A 160 14.11 0.67 7.73
N ASN A 161 15.04 -0.09 8.26
CA ASN A 161 14.72 -1.41 8.81
C ASN A 161 14.77 -1.38 10.34
N ARG A 162 13.77 -2.01 10.97
CA ARG A 162 13.63 -2.02 12.41
C ARG A 162 14.89 -2.51 13.13
N SER A 163 15.56 -3.50 12.53
CA SER A 163 16.71 -4.10 13.17
C SER A 163 17.95 -3.19 13.23
N ASP A 164 17.93 -2.06 12.53
CA ASP A 164 19.04 -1.13 12.55
C ASP A 164 19.00 -0.09 13.66
N PHE A 165 17.94 -0.07 14.46
CA PHE A 165 17.71 1.00 15.44
C PHE A 165 17.27 0.47 16.75
N SER A 166 17.56 1.21 17.80
CA SER A 166 16.89 1.04 19.08
C SER A 166 15.42 1.35 18.94
N LYS A 167 14.62 0.89 19.90
CA LYS A 167 13.20 1.23 19.88
C LYS A 167 13.04 2.72 19.93
N GLN A 168 13.82 3.38 20.80
CA GLN A 168 13.67 4.85 20.90
C GLN A 168 13.96 5.53 19.59
N ASP A 169 15.06 5.14 18.95
CA ASP A 169 15.42 5.80 17.70
C ASP A 169 14.48 5.48 16.51
N TRP A 170 13.96 4.27 16.48
CA TRP A 170 12.97 3.85 15.50
C TRP A 170 11.70 4.71 15.68
N GLU A 171 11.17 4.81 16.92
CA GLU A 171 9.91 5.55 17.15
C GLU A 171 10.16 7.04 16.93
N ALA A 172 11.37 7.52 17.28
CA ALA A 172 11.67 8.93 17.06
C ALA A 172 11.63 9.26 15.57
N GLN A 173 12.08 8.37 14.68
CA GLN A 173 11.98 8.64 13.23
C GLN A 173 10.55 8.68 12.77
N ILE A 174 9.73 7.73 13.24
CA ILE A 174 8.28 7.74 12.97
C ILE A 174 7.64 9.05 13.45
N ASP A 175 7.96 9.46 14.68
CA ASP A 175 7.35 10.67 15.24
C ASP A 175 7.76 11.86 14.40
N LYS A 176 9.02 11.89 13.94
CA LYS A 176 9.47 13.07 13.18
C LYS A 176 8.69 13.17 11.87
N GLU A 177 8.50 12.06 11.17
CA GLU A 177 7.64 12.06 9.98
C GLU A 177 6.25 12.61 10.27
N LEU A 178 5.64 12.13 11.36
CA LEU A 178 4.30 12.58 11.68
C LEU A 178 4.26 14.06 12.03
N SER A 179 5.30 14.57 12.69
CA SER A 179 5.39 16.00 13.07
C SER A 179 5.49 16.83 11.80
N GLN A 180 5.91 16.22 10.70
CA GLN A 180 6.07 16.97 9.44
C GLN A 180 4.91 16.71 8.49
N ASN A 181 3.79 16.18 9.03
CA ASN A 181 2.64 15.79 8.21
C ASN A 181 2.99 14.81 7.09
N GLN A 182 3.76 13.76 7.42
CA GLN A 182 4.18 12.81 6.42
C GLN A 182 3.80 11.41 6.89
N PRO A 183 2.70 10.87 6.40
CA PRO A 183 2.34 9.47 6.70
C PRO A 183 3.52 8.58 6.30
N VAL A 184 3.61 7.41 6.94
CA VAL A 184 4.75 6.50 6.81
C VAL A 184 4.28 5.15 6.27
N TYR A 185 4.98 4.65 5.23
CA TYR A 185 4.66 3.28 4.75
C TYR A 185 5.33 2.30 5.69
N TYR A 186 4.64 1.19 6.04
CA TYR A 186 5.18 0.28 7.05
C TYR A 186 4.79 -1.12 6.68
N GLN A 187 5.65 -2.11 7.02
CA GLN A 187 5.24 -3.53 6.80
C GLN A 187 5.89 -4.44 7.80
N GLY A 188 5.32 -5.64 7.89
CA GLY A 188 5.90 -6.65 8.74
C GLY A 188 5.28 -7.99 8.50
N VAL A 189 5.84 -9.00 9.20
CA VAL A 189 5.47 -10.41 8.95
CA VAL A 189 5.40 -10.40 8.97
C VAL A 189 5.23 -11.11 10.28
N GLY A 190 4.42 -12.18 10.29
CA GLY A 190 4.17 -12.93 11.51
C GLY A 190 3.21 -14.06 11.23
N LYS A 191 2.51 -14.51 12.28
CA LYS A 191 1.76 -15.74 12.17
C LYS A 191 0.39 -15.61 11.51
N VAL A 192 0.04 -14.41 11.01
CA VAL A 192 -1.16 -14.25 10.17
C VAL A 192 -0.76 -13.61 8.85
N GLY A 193 0.51 -13.87 8.49
CA GLY A 193 1.04 -13.58 7.15
C GLY A 193 1.84 -12.28 7.08
N GLY A 194 2.01 -11.74 5.90
CA GLY A 194 2.70 -10.46 5.81
C GLY A 194 1.79 -9.40 5.24
N HIS A 195 2.03 -8.17 5.65
CA HIS A 195 1.12 -7.06 5.26
C HIS A 195 1.87 -5.77 5.30
N ALA A 196 1.42 -4.88 4.42
CA ALA A 196 1.88 -3.48 4.32
C ALA A 196 0.71 -2.58 4.65
N PHE A 197 1.01 -1.42 5.24
CA PHE A 197 -0.03 -0.54 5.80
C PHE A 197 0.56 0.85 6.04
N VAL A 198 -0.20 1.75 6.64
CA VAL A 198 0.26 3.13 6.82
C VAL A 198 0.19 3.49 8.29
N ILE A 199 1.25 4.11 8.81
CA ILE A 199 1.24 4.69 10.17
C ILE A 199 0.98 6.17 9.96
N ASP A 200 -0.05 6.71 10.56
CA ASP A 200 -0.43 8.13 10.29
C ASP A 200 -0.86 8.88 11.49
N GLY A 201 -0.56 8.42 12.69
CA GLY A 201 -0.94 9.17 13.87
C GLY A 201 -0.29 8.64 15.11
N ALA A 202 -0.49 9.30 16.23
CA ALA A 202 0.10 8.86 17.49
C ALA A 202 -0.70 9.43 18.61
N ASP A 203 -0.84 8.64 19.67
CA ASP A 203 -1.65 9.07 20.82
C ASP A 203 -0.94 9.60 22.05
N GLY A 204 0.38 9.69 22.03
CA GLY A 204 1.09 10.25 23.18
C GLY A 204 1.41 9.22 24.25
N ARG A 205 0.90 8.01 24.07
CA ARG A 205 1.19 6.94 25.04
C ARG A 205 1.89 5.78 24.34
N ASN A 206 2.63 6.09 23.27
CA ASN A 206 3.44 5.10 22.53
C ASN A 206 2.65 4.12 21.66
N PHE A 207 1.40 4.47 21.35
CA PHE A 207 0.61 3.76 20.35
C PHE A 207 0.55 4.64 19.12
N TYR A 208 0.40 4.01 17.96
CA TYR A 208 0.38 4.73 16.68
C TYR A 208 -0.90 4.41 15.95
N HIS A 209 -1.43 5.37 15.20
CA HIS A 209 -2.62 5.07 14.44
C HIS A 209 -2.24 4.35 13.17
N VAL A 210 -2.97 3.29 12.82
CA VAL A 210 -2.72 2.51 11.64
C VAL A 210 -3.95 2.49 10.71
N ASN A 211 -3.68 2.62 9.40
CA ASN A 211 -4.67 2.39 8.37
C ASN A 211 -4.22 1.15 7.62
N TRP A 212 -4.98 0.06 7.79
CA TRP A 212 -4.55 -1.23 7.30
C TRP A 212 -4.81 -1.46 5.85
N GLY A 213 -5.51 -0.55 5.17
CA GLY A 213 -5.80 -0.77 3.76
C GLY A 213 -6.97 -1.70 3.45
N TRP A 214 -7.90 -1.86 4.41
CA TRP A 214 -9.06 -2.70 4.23
C TRP A 214 -10.32 -1.91 4.27
N GLY A 215 -10.22 -0.65 3.88
CA GLY A 215 -11.41 0.17 3.82
C GLY A 215 -11.79 0.83 5.13
N GLY A 216 -11.07 0.57 6.22
CA GLY A 216 -11.49 1.10 7.53
C GLY A 216 -11.44 -0.02 8.57
N VAL A 217 -11.66 -1.26 8.12
CA VAL A 217 -11.71 -2.40 9.04
C VAL A 217 -10.40 -2.46 9.86
N SER A 218 -10.54 -2.62 11.18
CA SER A 218 -9.43 -2.72 12.14
C SER A 218 -8.55 -1.48 12.30
N ASP A 219 -8.87 -0.38 11.63
CA ASP A 219 -8.00 0.77 11.84
C ASP A 219 -8.15 1.25 13.27
N GLY A 220 -7.07 1.77 13.83
CA GLY A 220 -7.07 2.24 15.19
C GLY A 220 -5.67 2.35 15.73
N PHE A 221 -5.51 2.29 17.05
CA PHE A 221 -4.23 2.54 17.69
C PHE A 221 -3.53 1.27 18.13
N PHE A 222 -2.27 1.14 17.70
CA PHE A 222 -1.47 -0.06 17.98
C PHE A 222 -0.06 0.27 18.40
N ARG A 223 0.54 -0.54 19.25
CA ARG A 223 1.98 -0.46 19.50
C ARG A 223 2.68 -1.06 18.29
N LEU A 224 3.87 -0.56 17.97
CA LEU A 224 4.54 -0.99 16.76
C LEU A 224 5.13 -2.39 16.93
N ASP A 225 5.19 -2.89 18.16
CA ASP A 225 5.54 -4.33 18.45
C ASP A 225 4.34 -5.22 18.74
N ALA A 226 3.16 -4.72 18.44
CA ALA A 226 1.93 -5.50 18.56
C ALA A 226 0.93 -5.01 17.53
N LEU A 227 1.35 -5.10 16.25
CA LEU A 227 0.56 -4.71 15.09
C LEU A 227 -0.39 -5.86 14.70
N ASN A 228 -1.43 -6.03 15.52
CA ASN A 228 -2.22 -7.29 15.58
C ASN A 228 -3.70 -6.98 15.38
N PRO A 229 -4.14 -6.75 14.13
CA PRO A 229 -5.59 -6.44 13.89
C PRO A 229 -6.48 -7.67 14.11
N SER A 230 -7.64 -7.50 14.76
CA SER A 230 -8.51 -8.65 15.06
C SER A 230 -9.30 -9.17 13.85
N ALA A 231 -9.27 -8.44 12.73
CA ALA A 231 -9.94 -8.89 11.50
C ALA A 231 -9.22 -10.12 10.91
N LEU A 232 -8.01 -10.38 11.41
CA LEU A 232 -7.26 -11.54 10.88
C LEU A 232 -7.18 -12.58 11.95
N GLY A 233 -6.93 -13.81 11.53
CA GLY A 233 -6.82 -14.93 12.47
C GLY A 233 -8.10 -15.76 12.57
N THR A 234 -7.99 -17.08 12.33
CA THR A 234 -9.12 -17.96 12.42
C THR A 234 -8.83 -18.89 13.54
N GLY A 235 -9.84 -19.13 14.33
CA GLY A 235 -9.74 -20.12 15.39
C GLY A 235 -9.60 -19.49 16.78
N GLY A 236 -9.43 -18.14 16.83
CA GLY A 236 -9.50 -17.47 18.12
C GLY A 236 -8.20 -16.95 18.71
N GLY A 237 -7.06 -17.16 18.04
CA GLY A 237 -5.76 -16.87 18.65
C GLY A 237 -5.17 -15.52 18.33
N ALA A 238 -3.85 -15.42 18.51
CA ALA A 238 -3.15 -14.16 18.38
C ALA A 238 -2.28 -14.13 17.13
N GLY A 239 -1.97 -12.96 16.61
CA GLY A 239 -0.96 -12.86 15.57
C GLY A 239 -0.93 -11.46 14.99
N GLY A 240 0.25 -11.06 14.51
CA GLY A 240 0.37 -9.72 13.95
C GLY A 240 1.64 -9.51 13.16
N PHE A 241 1.88 -8.29 12.70
CA PHE A 241 2.96 -8.03 11.76
C PHE A 241 4.19 -7.54 12.51
N ASN A 242 4.75 -8.42 13.37
CA ASN A 242 5.73 -7.94 14.34
C ASN A 242 7.21 -8.31 14.03
N GLY A 243 7.38 -9.02 12.94
CA GLY A 243 8.72 -9.45 12.55
C GLY A 243 9.17 -8.86 11.23
N TYR A 244 10.51 -8.78 11.12
CA TYR A 244 11.16 -8.31 9.90
C TYR A 244 10.54 -6.99 9.43
N GLN A 245 10.38 -6.04 10.33
CA GLN A 245 9.65 -4.83 9.96
C GLN A 245 10.54 -3.88 9.21
N SER A 246 9.91 -3.09 8.32
CA SER A 246 10.60 -2.00 7.66
C SER A 246 9.61 -0.91 7.35
N ALA A 247 10.10 0.28 7.00
CA ALA A 247 9.21 1.40 6.72
C ALA A 247 9.83 2.18 5.59
N VAL A 248 9.02 2.98 4.93
CA VAL A 248 9.60 3.97 3.98
C VAL A 248 9.18 5.29 4.58
N VAL A 249 10.20 6.17 4.77
CA VAL A 249 10.03 7.49 5.43
C VAL A 249 10.56 8.53 4.45
N GLY A 250 10.37 9.82 4.79
CA GLY A 250 10.84 10.87 3.91
C GLY A 250 9.91 11.11 2.75
N ILE A 251 8.67 10.63 2.84
CA ILE A 251 7.80 10.61 1.65
C ILE A 251 7.18 11.99 1.53
N LYS A 252 7.68 12.76 0.55
CA LYS A 252 7.14 14.11 0.26
C LYS A 252 7.56 14.43 -1.16
N PRO A 253 6.84 15.35 -1.82
CA PRO A 253 7.19 15.72 -3.19
C PRO A 253 8.57 16.38 -3.39
N LEU A 254 9.16 16.21 -4.57
CA LEU A 254 10.39 16.91 -4.93
C LEU A 254 10.10 18.39 -4.74
#